data_3LTU
# 
_entry.id   3LTU 
# 
_audit_conform.dict_name       mmcif_pdbx.dic 
_audit_conform.dict_version    5.379 
_audit_conform.dict_location   http://mmcif.pdb.org/dictionaries/ascii/mmcif_pdbx.dic 
# 
loop_
_database_2.database_id 
_database_2.database_code 
_database_2.pdbx_database_accession 
_database_2.pdbx_DOI 
PDB   3LTU         pdb_00003ltu 10.2210/pdb3ltu/pdb 
NDB   NA0452       ?            ?                   
RCSB  RCSB057722   ?            ?                   
WWPDB D_1000057722 ?            ?                   
# 
loop_
_pdbx_database_related.db_name 
_pdbx_database_related.db_id 
_pdbx_database_related.details 
_pdbx_database_related.content_type 
PDB 1DNS . unspecified 
PDB 3IJK . unspecified 
PDB 3LTR . unspecified 
# 
_pdbx_database_status.status_code                     REL 
_pdbx_database_status.entry_id                        3LTU 
_pdbx_database_status.recvd_initial_deposition_date   2010-02-16 
_pdbx_database_status.deposit_site                    RCSB 
_pdbx_database_status.process_site                    RCSB 
_pdbx_database_status.status_code_sf                  REL 
_pdbx_database_status.status_code_mr                  ? 
_pdbx_database_status.SG_entry                        ? 
_pdbx_database_status.status_code_cs                  ? 
_pdbx_database_status.pdb_format_compatible           Y 
_pdbx_database_status.status_code_nmr_data            ? 
_pdbx_database_status.methods_development_category    ? 
# 
loop_
_audit_author.name 
_audit_author.pdbx_ordinal 
'Sheng, J.'      1 
'Hassan, A.E.A.' 2 
'Zhang, W.'      3 
'Gan, J.'        4 
'Huang, Z.'      5 
# 
_citation.id                        primary 
_citation.title                     'Synthesis of Pyrimidine Modified Seleno-DNA as a Novel Approach to Antisense Candidate' 
_citation.journal_abbrev            Chemistryselect 
_citation.journal_volume            8 
_citation.page_first                ? 
_citation.page_last                 ? 
_citation.year                      2023 
_citation.journal_id_ASTM           ? 
_citation.country                   DE 
_citation.journal_id_ISSN           2365-6549 
_citation.journal_id_CSD            ? 
_citation.book_publisher            ? 
_citation.pdbx_database_id_PubMed   ? 
_citation.pdbx_database_id_DOI      10.1002/slct.202302253 
# 
loop_
_citation_author.citation_id 
_citation_author.name 
_citation_author.ordinal 
_citation_author.identifier_ORCID 
primary 'Fang, Z.'   1 ? 
primary 'Dantsu, Y.' 2 ? 
primary 'Chen, C.'   3 ? 
primary 'Zhang, W.'  4 ? 
primary 'Huang, Z.'  5 ? 
# 
_cell.entry_id           3LTU 
_cell.length_a           43.078 
_cell.length_b           43.078 
_cell.length_c           23.814 
_cell.angle_alpha        90.00 
_cell.angle_beta         90.00 
_cell.angle_gamma        90.00 
_cell.Z_PDB              8 
_cell.pdbx_unique_axis   ? 
_cell.length_a_esd       ? 
_cell.length_b_esd       ? 
_cell.length_c_esd       ? 
_cell.angle_alpha_esd    ? 
_cell.angle_beta_esd     ? 
_cell.angle_gamma_esd    ? 
# 
_symmetry.entry_id                         3LTU 
_symmetry.space_group_name_H-M             'P 43 21 2' 
_symmetry.pdbx_full_space_group_name_H-M   ? 
_symmetry.cell_setting                     ? 
_symmetry.Int_Tables_number                96 
_symmetry.space_group_name_Hall            ? 
# 
loop_
_entity.id 
_entity.type 
_entity.src_method 
_entity.pdbx_description 
_entity.formula_weight 
_entity.pdbx_number_of_molecules 
_entity.pdbx_ec 
_entity.pdbx_mutation 
_entity.pdbx_fragment 
_entity.details 
1 polymer syn "5'-D(*GP*(UMS)P*GP*(T5S)P*AP*CP*AP*C)-3'" 2584.537 1  ? ? ? ? 
2 water   nat water                                      18.015   38 ? ? ? ? 
# 
_entity_poly.entity_id                      1 
_entity_poly.type                           polydeoxyribonucleotide 
_entity_poly.nstd_linkage                   no 
_entity_poly.nstd_monomer                   yes 
_entity_poly.pdbx_seq_one_letter_code       '(DG)(UMS)(DG)(T5S)(DA)(DC)(DA)(DC)' 
_entity_poly.pdbx_seq_one_letter_code_can   GUGTACAC 
_entity_poly.pdbx_strand_id                 A 
_entity_poly.pdbx_target_identifier         ? 
# 
loop_
_entity_poly_seq.entity_id 
_entity_poly_seq.num 
_entity_poly_seq.mon_id 
_entity_poly_seq.hetero 
1 1 DG  n 
1 2 UMS n 
1 3 DG  n 
1 4 T5S n 
1 5 DA  n 
1 6 DC  n 
1 7 DA  n 
1 8 DC  n 
# 
_pdbx_entity_src_syn.entity_id              1 
_pdbx_entity_src_syn.pdbx_src_id            1 
_pdbx_entity_src_syn.pdbx_alt_source_flag   sample 
_pdbx_entity_src_syn.pdbx_beg_seq_num       ? 
_pdbx_entity_src_syn.pdbx_end_seq_num       ? 
_pdbx_entity_src_syn.organism_scientific    'synthetic construct' 
_pdbx_entity_src_syn.organism_common_name   ? 
_pdbx_entity_src_syn.ncbi_taxonomy_id       32630 
_pdbx_entity_src_syn.details                'synthesized by solid phase synthesizer.' 
# 
_struct_ref.id                         1 
_struct_ref.db_name                    PDB 
_struct_ref.db_code                    3LTU 
_struct_ref.pdbx_db_accession          3LTU 
_struct_ref.entity_id                  1 
_struct_ref.pdbx_align_begin           ? 
_struct_ref.pdbx_seq_one_letter_code   GUGTACAC 
_struct_ref.pdbx_db_isoform            ? 
# 
_struct_ref_seq.align_id                      1 
_struct_ref_seq.ref_id                        1 
_struct_ref_seq.pdbx_PDB_id_code              3LTU 
_struct_ref_seq.pdbx_strand_id                A 
_struct_ref_seq.seq_align_beg                 1 
_struct_ref_seq.pdbx_seq_align_beg_ins_code   ? 
_struct_ref_seq.seq_align_end                 8 
_struct_ref_seq.pdbx_seq_align_end_ins_code   ? 
_struct_ref_seq.pdbx_db_accession             3LTU 
_struct_ref_seq.db_align_beg                  1 
_struct_ref_seq.pdbx_db_align_beg_ins_code    ? 
_struct_ref_seq.db_align_end                  8 
_struct_ref_seq.pdbx_db_align_end_ins_code    ? 
_struct_ref_seq.pdbx_auth_seq_align_beg       1 
_struct_ref_seq.pdbx_auth_seq_align_end       8 
# 
loop_
_chem_comp.id 
_chem_comp.type 
_chem_comp.mon_nstd_flag 
_chem_comp.name 
_chem_comp.pdbx_synonyms 
_chem_comp.formula 
_chem_comp.formula_weight 
DA  'DNA linking' y "2'-DEOXYADENOSINE-5'-MONOPHOSPHATE"             ? 'C10 H14 N5 O6 P'    331.222 
DC  'DNA linking' y "2'-DEOXYCYTIDINE-5'-MONOPHOSPHATE"              ? 'C9 H14 N3 O7 P'     307.197 
DG  'DNA linking' y "2'-DEOXYGUANOSINE-5'-MONOPHOSPHATE"             ? 'C10 H14 N5 O7 P'    347.221 
HOH non-polymer   . WATER                                            ? 'H2 O'               18.015  
T5S 'DNA linking' n 
;2'-deoxy-5-(methylselanyl)uridine 5'-phosphate
;
? 'C10 H15 N2 O8 P Se' 401.168 
UMS 'DNA linking' n "2'-METHYLSELENYL-2'-DEOXYURIDINE-5'-PHOSPHATE"  ? 'C10 H15 N2 O8 P Se' 401.168 
# 
_exptl.entry_id          3LTU 
_exptl.method            'X-RAY DIFFRACTION' 
_exptl.crystals_number   1 
# 
_exptl_crystal.id                    1 
_exptl_crystal.density_meas          ? 
_exptl_crystal.density_Matthews      2.14 
_exptl_crystal.density_percent_sol   42.45 
_exptl_crystal.description           ? 
_exptl_crystal.F_000                 ? 
_exptl_crystal.preparation           ? 
# 
_exptl_crystal_grow.crystal_id      1 
_exptl_crystal_grow.method          'VAPOR DIFFUSION, HANGING DROP' 
_exptl_crystal_grow.temp            293 
_exptl_crystal_grow.temp_details    ? 
_exptl_crystal_grow.pH              6.0 
_exptl_crystal_grow.pdbx_details    
;10% v / v MPD, 40 mM Na Cacodylate pH 6.0, 12 mM Spermine tetra-HCl, 80 mM Sodium Chloride, 20 mM Magnesium Chloride, VAPOR DIFFUSION, HANGING DROP, temperature 293K
;
_exptl_crystal_grow.pdbx_pH_range   ? 
# 
_diffrn.id                     1 
_diffrn.ambient_temp           99 
_diffrn.ambient_temp_details   ? 
_diffrn.crystal_id             1 
# 
_diffrn_detector.diffrn_id              1 
_diffrn_detector.detector               CCD 
_diffrn_detector.type                   'ADSC QUANTUM 210' 
_diffrn_detector.pdbx_collection_date   2009-10-10 
_diffrn_detector.details                Mirror 
# 
_diffrn_radiation.diffrn_id                        1 
_diffrn_radiation.wavelength_id                    1 
_diffrn_radiation.pdbx_monochromatic_or_laue_m_l   M 
_diffrn_radiation.monochromator                    'Si(III)' 
_diffrn_radiation.pdbx_diffrn_protocol             'SINGLE WAVELENGTH' 
_diffrn_radiation.pdbx_scattering_type             x-ray 
# 
_diffrn_radiation_wavelength.id           1 
_diffrn_radiation_wavelength.wavelength   0.9795 
_diffrn_radiation_wavelength.wt           1.0 
# 
_diffrn_source.diffrn_id                   1 
_diffrn_source.source                      SYNCHROTRON 
_diffrn_source.type                        'NSLS BEAMLINE X12C' 
_diffrn_source.pdbx_synchrotron_site       NSLS 
_diffrn_source.pdbx_synchrotron_beamline   X12C 
_diffrn_source.pdbx_wavelength             ? 
_diffrn_source.pdbx_wavelength_list        0.9795 
# 
_reflns.entry_id                     3LTU 
_reflns.observed_criterion_sigma_I   ? 
_reflns.observed_criterion_sigma_F   ? 
_reflns.d_resolution_low             50 
_reflns.d_resolution_high            1.40 
_reflns.number_obs                   4661 
_reflns.number_all                   4766 
_reflns.percent_possible_obs         97.8 
_reflns.pdbx_Rmerge_I_obs            0.087 
_reflns.pdbx_Rsym_value              ? 
_reflns.pdbx_netI_over_sigmaI        18.9 
_reflns.B_iso_Wilson_estimate        ? 
_reflns.pdbx_redundancy              23 
_reflns.R_free_details               ? 
_reflns.limit_h_max                  ? 
_reflns.limit_h_min                  ? 
_reflns.limit_k_max                  ? 
_reflns.limit_k_min                  ? 
_reflns.limit_l_max                  ? 
_reflns.limit_l_min                  ? 
_reflns.observed_criterion_F_max     ? 
_reflns.observed_criterion_F_min     ? 
_reflns.pdbx_chi_squared             ? 
_reflns.pdbx_scaling_rejects         ? 
_reflns.pdbx_ordinal                 1 
_reflns.pdbx_diffrn_id               1 
# 
_reflns_shell.d_res_high             1.40 
_reflns_shell.d_res_low              1.45 
_reflns_shell.percent_possible_all   99.3 
_reflns_shell.Rmerge_I_obs           0.136 
_reflns_shell.pdbx_Rsym_value        ? 
_reflns_shell.meanI_over_sigI_obs    14.5 
_reflns_shell.pdbx_redundancy        11.1 
_reflns_shell.percent_possible_obs   ? 
_reflns_shell.number_unique_all      446 
_reflns_shell.number_measured_all    ? 
_reflns_shell.number_measured_obs    ? 
_reflns_shell.number_unique_obs      ? 
_reflns_shell.pdbx_chi_squared       ? 
_reflns_shell.pdbx_ordinal           1 
_reflns_shell.pdbx_diffrn_id         1 
# 
_refine.entry_id                                 3LTU 
_refine.ls_number_reflns_obs                     4421 
_refine.ls_number_reflns_all                     4519 
_refine.pdbx_ls_sigma_I                          . 
_refine.pdbx_ls_sigma_F                          . 
_refine.pdbx_data_cutoff_high_absF               ? 
_refine.pdbx_data_cutoff_low_absF                ? 
_refine.pdbx_data_cutoff_high_rms_absF           ? 
_refine.ls_d_res_low                             30.46 
_refine.ls_d_res_high                            1.40 
_refine.ls_percent_reflns_obs                    97.83 
_refine.ls_R_factor_obs                          0.17584 
_refine.ls_R_factor_all                          ? 
_refine.ls_R_factor_R_work                       0.17477 
_refine.ls_R_factor_R_free                       0.20041 
_refine.ls_R_factor_R_free_error                 ? 
_refine.ls_R_factor_R_free_error_details         ? 
_refine.ls_percent_reflns_R_free                 4.6 
_refine.ls_number_reflns_R_free                  212 
_refine.ls_number_parameters                     ? 
_refine.ls_number_restraints                     ? 
_refine.occupancy_min                            ? 
_refine.occupancy_max                            ? 
_refine.correlation_coeff_Fo_to_Fc               0.946 
_refine.correlation_coeff_Fo_to_Fc_free          0.945 
_refine.B_iso_mean                               8.965 
_refine.aniso_B[1][1]                            0.17 
_refine.aniso_B[2][2]                            0.17 
_refine.aniso_B[3][3]                            -0.34 
_refine.aniso_B[1][2]                            0.00 
_refine.aniso_B[1][3]                            0.00 
_refine.aniso_B[2][3]                            0.00 
_refine.solvent_model_details                    MASK 
_refine.solvent_model_param_ksol                 ? 
_refine.solvent_model_param_bsol                 ? 
_refine.pdbx_solvent_vdw_probe_radii             1.20 
_refine.pdbx_solvent_ion_probe_radii             0.80 
_refine.pdbx_solvent_shrinkage_radii             0.80 
_refine.pdbx_ls_cross_valid_method               THROUGHOUT 
_refine.details                                  'HYDROGENS HAVE BEEN ADDED IN THE RIDING POSITIONS' 
_refine.pdbx_starting_model                      1DNS 
_refine.pdbx_method_to_determine_struct          'MOLECULAR REPLACEMENT' 
_refine.pdbx_isotropic_thermal_model             ? 
_refine.pdbx_stereochemistry_target_values       'MAXIMUM LIKELIHOOD' 
_refine.pdbx_stereochem_target_val_spec_case     ? 
_refine.pdbx_R_Free_selection_details            RANDOM 
_refine.pdbx_overall_ESU_R                       0.059 
_refine.pdbx_overall_ESU_R_Free                  0.061 
_refine.overall_SU_ML                            0.030 
_refine.overall_SU_B                             1.465 
_refine.ls_redundancy_reflns_obs                 ? 
_refine.B_iso_min                                ? 
_refine.B_iso_max                                ? 
_refine.overall_SU_R_Cruickshank_DPI             ? 
_refine.overall_SU_R_free                        ? 
_refine.ls_wR_factor_R_free                      ? 
_refine.ls_wR_factor_R_work                      ? 
_refine.overall_FOM_free_R_set                   ? 
_refine.overall_FOM_work_R_set                   ? 
_refine.pdbx_overall_phase_error                 ? 
_refine.pdbx_refine_id                           'X-RAY DIFFRACTION' 
_refine.pdbx_TLS_residual_ADP_flag               'LIKELY RESIDUAL' 
_refine.pdbx_diffrn_id                           1 
_refine.pdbx_overall_SU_R_free_Cruickshank_DPI   ? 
_refine.pdbx_overall_SU_R_Blow_DPI               ? 
_refine.pdbx_overall_SU_R_free_Blow_DPI          ? 
# 
_refine_analyze.entry_id                        3LTU 
_refine_analyze.Luzzati_coordinate_error_obs    0.059 
_refine_analyze.Luzzati_sigma_a_obs             ? 
_refine_analyze.Luzzati_d_res_low_obs           ? 
_refine_analyze.Luzzati_coordinate_error_free   0.061 
_refine_analyze.Luzzati_sigma_a_free            ? 
_refine_analyze.Luzzati_d_res_low_free          ? 
_refine_analyze.number_disordered_residues      ? 
_refine_analyze.occupancy_sum_hydrogen          ? 
_refine_analyze.occupancy_sum_non_hydrogen      ? 
_refine_analyze.pdbx_Luzzati_d_res_high_obs     ? 
_refine_analyze.pdbx_refine_id                  'X-RAY DIFFRACTION' 
# 
_refine_hist.pdbx_refine_id                   'X-RAY DIFFRACTION' 
_refine_hist.cycle_id                         LAST 
_refine_hist.pdbx_number_atoms_protein        0 
_refine_hist.pdbx_number_atoms_nucleic_acid   163 
_refine_hist.pdbx_number_atoms_ligand         0 
_refine_hist.number_atoms_solvent             38 
_refine_hist.number_atoms_total               201 
_refine_hist.d_res_high                       1.40 
_refine_hist.d_res_low                        30.46 
# 
loop_
_refine_ls_restr.type 
_refine_ls_restr.dev_ideal 
_refine_ls_restr.dev_ideal_target 
_refine_ls_restr.weight 
_refine_ls_restr.number 
_refine_ls_restr.pdbx_refine_id 
_refine_ls_restr.pdbx_restraint_function 
r_bond_refined_d         0.004 0.021 ? 182 'X-RAY DIFFRACTION' ? 
r_angle_refined_deg      1.108 3.000 ? 278 'X-RAY DIFFRACTION' ? 
r_chiral_restr           0.044 0.200 ? 32  'X-RAY DIFFRACTION' ? 
r_gen_planes_refined     0.007 0.020 ? 83  'X-RAY DIFFRACTION' ? 
r_nbd_refined            0.129 0.200 ? 60  'X-RAY DIFFRACTION' ? 
r_nbtor_refined          0.271 0.200 ? 107 'X-RAY DIFFRACTION' ? 
r_xyhbond_nbd_refined    0.098 0.200 ? 24  'X-RAY DIFFRACTION' ? 
r_symmetry_vdw_refined   0.180 0.200 ? 22  'X-RAY DIFFRACTION' ? 
r_symmetry_hbond_refined 0.070 0.200 ? 14  'X-RAY DIFFRACTION' ? 
r_scbond_it              0.735 3.000 ? 263 'X-RAY DIFFRACTION' ? 
r_scangle_it             0.976 4.500 ? 278 'X-RAY DIFFRACTION' ? 
# 
_refine_ls_shell.pdbx_total_number_of_bins_used   20 
_refine_ls_shell.d_res_high                       1.400 
_refine_ls_shell.d_res_low                        1.436 
_refine_ls_shell.number_reflns_R_work             321 
_refine_ls_shell.R_factor_R_work                  0.161 
_refine_ls_shell.percent_reflns_obs               99.40 
_refine_ls_shell.R_factor_R_free                  0.189 
_refine_ls_shell.R_factor_R_free_error            ? 
_refine_ls_shell.percent_reflns_R_free            ? 
_refine_ls_shell.number_reflns_R_free             12 
_refine_ls_shell.number_reflns_all                ? 
_refine_ls_shell.R_factor_all                     ? 
_refine_ls_shell.number_reflns_obs                ? 
_refine_ls_shell.redundancy_reflns_obs            ? 
_refine_ls_shell.pdbx_refine_id                   'X-RAY DIFFRACTION' 
# 
_struct.entry_id                  3LTU 
_struct.title                     '5-SeMe-dU containing DNA 8mer' 
_struct.pdbx_model_details        ? 
_struct.pdbx_CASP_flag            ? 
_struct.pdbx_model_type_details   ? 
# 
_struct_keywords.entry_id        3LTU 
_struct_keywords.pdbx_keywords   DNA 
_struct_keywords.text            'DNA, oligonucleotide, 5-SeMe, selenium, 5-methoxy-uridine' 
# 
loop_
_struct_asym.id 
_struct_asym.pdbx_blank_PDB_chainid_flag 
_struct_asym.pdbx_modified 
_struct_asym.entity_id 
_struct_asym.details 
A N N 1 ? 
B N N 2 ? 
# 
loop_
_struct_conn.id 
_struct_conn.conn_type_id 
_struct_conn.pdbx_leaving_atom_flag 
_struct_conn.pdbx_PDB_id 
_struct_conn.ptnr1_label_asym_id 
_struct_conn.ptnr1_label_comp_id 
_struct_conn.ptnr1_label_seq_id 
_struct_conn.ptnr1_label_atom_id 
_struct_conn.pdbx_ptnr1_label_alt_id 
_struct_conn.pdbx_ptnr1_PDB_ins_code 
_struct_conn.pdbx_ptnr1_standard_comp_id 
_struct_conn.ptnr1_symmetry 
_struct_conn.ptnr2_label_asym_id 
_struct_conn.ptnr2_label_comp_id 
_struct_conn.ptnr2_label_seq_id 
_struct_conn.ptnr2_label_atom_id 
_struct_conn.pdbx_ptnr2_label_alt_id 
_struct_conn.pdbx_ptnr2_PDB_ins_code 
_struct_conn.ptnr1_auth_asym_id 
_struct_conn.ptnr1_auth_comp_id 
_struct_conn.ptnr1_auth_seq_id 
_struct_conn.ptnr2_auth_asym_id 
_struct_conn.ptnr2_auth_comp_id 
_struct_conn.ptnr2_auth_seq_id 
_struct_conn.ptnr2_symmetry 
_struct_conn.pdbx_ptnr3_label_atom_id 
_struct_conn.pdbx_ptnr3_label_seq_id 
_struct_conn.pdbx_ptnr3_label_comp_id 
_struct_conn.pdbx_ptnr3_label_asym_id 
_struct_conn.pdbx_ptnr3_label_alt_id 
_struct_conn.pdbx_ptnr3_PDB_ins_code 
_struct_conn.details 
_struct_conn.pdbx_dist_value 
_struct_conn.pdbx_value_order 
_struct_conn.pdbx_role 
covale1  covale both ? A DG  1 "O3'" ? ? ? 1_555 A UMS 2 P  ? ? A DG  1 A UMS 2 1_555 ? ? ? ? ? ? ?            1.604 ? ? 
covale2  covale both ? A UMS 2 "O3'" ? ? ? 1_555 A DG  3 P  ? ? A UMS 2 A DG  3 1_555 ? ? ? ? ? ? ?            1.597 ? ? 
covale3  covale both ? A DG  3 "O3'" ? ? ? 1_555 A T5S 4 P  ? ? A DG  3 A T5S 4 1_555 ? ? ? ? ? ? ?            1.604 ? ? 
covale4  covale both ? A T5S 4 "O3'" ? ? ? 1_555 A DA  5 P  ? ? A T5S 4 A DA  5 1_555 ? ? ? ? ? ? ?            1.598 ? ? 
hydrog1  hydrog ?    ? A DG  1 N1    ? ? ? 1_555 A DC  8 N3 ? ? A DG  1 A DC  8 8_666 ? ? ? ? ? ? WATSON-CRICK ?     ? ? 
hydrog2  hydrog ?    ? A DG  1 N2    ? ? ? 1_555 A DC  8 O2 ? ? A DG  1 A DC  8 8_666 ? ? ? ? ? ? WATSON-CRICK ?     ? ? 
hydrog3  hydrog ?    ? A DG  1 O6    ? ? ? 1_555 A DC  8 N4 ? ? A DG  1 A DC  8 8_666 ? ? ? ? ? ? WATSON-CRICK ?     ? ? 
hydrog4  hydrog ?    ? A UMS 2 N3    ? ? ? 1_555 A DA  7 N1 ? ? A UMS 2 A DA  7 8_666 ? ? ? ? ? ? WATSON-CRICK ?     ? ? 
hydrog5  hydrog ?    ? A UMS 2 O4    ? ? ? 1_555 A DA  7 N6 ? ? A UMS 2 A DA  7 8_666 ? ? ? ? ? ? WATSON-CRICK ?     ? ? 
hydrog6  hydrog ?    ? A DG  3 N1    ? ? ? 1_555 A DC  6 N3 ? ? A DG  3 A DC  6 8_666 ? ? ? ? ? ? WATSON-CRICK ?     ? ? 
hydrog7  hydrog ?    ? A DG  3 N2    ? ? ? 1_555 A DC  6 O2 ? ? A DG  3 A DC  6 8_666 ? ? ? ? ? ? WATSON-CRICK ?     ? ? 
hydrog8  hydrog ?    ? A DG  3 O6    ? ? ? 1_555 A DC  6 N4 ? ? A DG  3 A DC  6 8_666 ? ? ? ? ? ? WATSON-CRICK ?     ? ? 
hydrog9  hydrog ?    ? A T5S 4 N3    ? ? ? 1_555 A DA  5 N1 ? ? A T5S 4 A DA  5 8_666 ? ? ? ? ? ? WATSON-CRICK ?     ? ? 
hydrog10 hydrog ?    ? A T5S 4 O4    ? ? ? 1_555 A DA  5 N6 ? ? A T5S 4 A DA  5 8_666 ? ? ? ? ? ? WATSON-CRICK ?     ? ? 
hydrog11 hydrog ?    ? A DA  5 N1    ? ? ? 1_555 A T5S 4 N3 ? ? A DA  5 A T5S 4 8_666 ? ? ? ? ? ? WATSON-CRICK ?     ? ? 
hydrog12 hydrog ?    ? A DA  5 N6    ? ? ? 1_555 A T5S 4 O4 ? ? A DA  5 A T5S 4 8_666 ? ? ? ? ? ? WATSON-CRICK ?     ? ? 
hydrog13 hydrog ?    ? A DC  6 N3    ? ? ? 1_555 A DG  3 N1 ? ? A DC  6 A DG  3 8_666 ? ? ? ? ? ? WATSON-CRICK ?     ? ? 
hydrog14 hydrog ?    ? A DC  6 N4    ? ? ? 1_555 A DG  3 O6 ? ? A DC  6 A DG  3 8_666 ? ? ? ? ? ? WATSON-CRICK ?     ? ? 
hydrog15 hydrog ?    ? A DC  6 O2    ? ? ? 1_555 A DG  3 N2 ? ? A DC  6 A DG  3 8_666 ? ? ? ? ? ? WATSON-CRICK ?     ? ? 
hydrog16 hydrog ?    ? A DA  7 N1    ? ? ? 1_555 A UMS 2 N3 ? ? A DA  7 A UMS 2 8_666 ? ? ? ? ? ? WATSON-CRICK ?     ? ? 
hydrog17 hydrog ?    ? A DA  7 N6    ? ? ? 1_555 A UMS 2 O4 ? ? A DA  7 A UMS 2 8_666 ? ? ? ? ? ? WATSON-CRICK ?     ? ? 
hydrog18 hydrog ?    ? A DC  8 N3    ? ? ? 1_555 A DG  1 N1 ? ? A DC  8 A DG  1 8_666 ? ? ? ? ? ? WATSON-CRICK ?     ? ? 
hydrog19 hydrog ?    ? A DC  8 N4    ? ? ? 1_555 A DG  1 O6 ? ? A DC  8 A DG  1 8_666 ? ? ? ? ? ? WATSON-CRICK ?     ? ? 
hydrog20 hydrog ?    ? A DC  8 O2    ? ? ? 1_555 A DG  1 N2 ? ? A DC  8 A DG  1 8_666 ? ? ? ? ? ? WATSON-CRICK ?     ? ? 
# 
loop_
_struct_conn_type.id 
_struct_conn_type.criteria 
_struct_conn_type.reference 
covale ? ? 
hydrog ? ? 
# 
_atom_sites.entry_id                    3LTU 
_atom_sites.fract_transf_matrix[1][1]   0.00282592 
_atom_sites.fract_transf_matrix[1][2]   -0.02250758 
_atom_sites.fract_transf_matrix[1][3]   -0.00493080 
_atom_sites.fract_transf_matrix[2][1]   -0.02109086 
_atom_sites.fract_transf_matrix[2][2]   -0.00452710 
_atom_sites.fract_transf_matrix[2][3]   0.00857735 
_atom_sites.fract_transf_matrix[3][1]   -0.01678290 
_atom_sites.fract_transf_matrix[3][2]   0.00621483 
_atom_sites.fract_transf_matrix[3][3]   -0.03798734 
_atom_sites.fract_transf_vector[1]      0.733034 
_atom_sites.fract_transf_vector[2]      0.292180 
_atom_sites.fract_transf_vector[3]      0.637442 
# 
loop_
_atom_type.symbol 
C  
N  
O  
P  
SE 
# 
loop_
_atom_site.group_PDB 
_atom_site.id 
_atom_site.type_symbol 
_atom_site.label_atom_id 
_atom_site.label_alt_id 
_atom_site.label_comp_id 
_atom_site.label_asym_id 
_atom_site.label_entity_id 
_atom_site.label_seq_id 
_atom_site.pdbx_PDB_ins_code 
_atom_site.Cartn_x 
_atom_site.Cartn_y 
_atom_site.Cartn_z 
_atom_site.occupancy 
_atom_site.B_iso_or_equiv 
_atom_site.pdbx_formal_charge 
_atom_site.auth_seq_id 
_atom_site.auth_comp_id 
_atom_site.auth_asym_id 
_atom_site.auth_atom_id 
_atom_site.pdbx_PDB_model_num 
ATOM   1   O  "O5'"  . DG  A 1 1 ? -14.001 0.957  -2.492 1.00 6.03  ? 1  DG  A "O5'"  1 
ATOM   2   C  "C5'"  . DG  A 1 1 ? -15.167 0.741  -1.702 1.00 5.06  ? 1  DG  A "C5'"  1 
ATOM   3   C  "C4'"  . DG  A 1 1 ? -15.179 -0.670 -1.131 1.00 5.25  ? 1  DG  A "C4'"  1 
ATOM   4   O  "O4'"  . DG  A 1 1 ? -15.170 -1.649 -2.207 1.00 5.24  ? 1  DG  A "O4'"  1 
ATOM   5   C  "C3'"  . DG  A 1 1 ? -13.978 -1.048 -0.276 1.00 4.90  ? 1  DG  A "C3'"  1 
ATOM   6   O  "O3'"  . DG  A 1 1 ? -14.141 -0.560 1.050  1.00 5.29  ? 1  DG  A "O3'"  1 
ATOM   7   C  "C2'"  . DG  A 1 1 ? -14.036 -2.570 -0.356 1.00 5.51  ? 1  DG  A "C2'"  1 
ATOM   8   C  "C1'"  . DG  A 1 1 ? -14.397 -2.769 -1.828 1.00 5.10  ? 1  DG  A "C1'"  1 
ATOM   9   N  N9     . DG  A 1 1 ? -13.219 -2.839 -2.686 1.00 5.17  ? 1  DG  A N9     1 
ATOM   10  C  C8     . DG  A 1 1 ? -12.672 -1.817 -3.426 1.00 5.01  ? 1  DG  A C8     1 
ATOM   11  N  N7     . DG  A 1 1 ? -11.608 -2.166 -4.088 1.00 5.42  ? 1  DG  A N7     1 
ATOM   12  C  C5     . DG  A 1 1 ? -11.429 -3.502 -3.754 1.00 5.30  ? 1  DG  A C5     1 
ATOM   13  C  C6     . DG  A 1 1 ? -10.436 -4.418 -4.171 1.00 5.38  ? 1  DG  A C6     1 
ATOM   14  O  O6     . DG  A 1 1 ? -9.490  -4.207 -4.938 1.00 5.44  ? 1  DG  A O6     1 
ATOM   15  N  N1     . DG  A 1 1 ? -10.613 -5.683 -3.610 1.00 5.41  ? 1  DG  A N1     1 
ATOM   16  C  C2     . DG  A 1 1 ? -11.636 -6.024 -2.754 1.00 5.67  ? 1  DG  A C2     1 
ATOM   17  N  N2     . DG  A 1 1 ? -11.645 -7.292 -2.313 1.00 6.22  ? 1  DG  A N2     1 
ATOM   18  N  N3     . DG  A 1 1 ? -12.577 -5.172 -2.352 1.00 5.60  ? 1  DG  A N3     1 
ATOM   19  C  C4     . DG  A 1 1 ? -12.413 -3.934 -2.891 1.00 5.02  ? 1  DG  A C4     1 
HETATM 20  P  P      . UMS A 1 2 ? -12.888 -0.106 1.943  1.00 5.10  ? 2  UMS A P      1 
HETATM 21  O  OP1    . UMS A 1 2 ? -13.449 0.431  3.203  1.00 5.56  ? 2  UMS A OP1    1 
HETATM 22  O  OP2    . UMS A 1 2 ? -11.963 0.718  1.129  1.00 5.93  ? 2  UMS A OP2    1 
HETATM 23  O  "O5'"  . UMS A 1 2 ? -12.108 -1.466 2.239  1.00 5.02  ? 2  UMS A "O5'"  1 
HETATM 24  C  "C5'"  . UMS A 1 2 ? -12.676 -2.414 3.125  1.00 5.12  ? 2  UMS A "C5'"  1 
HETATM 25  C  "C4'"  . UMS A 1 2 ? -11.879 -3.700 3.091  1.00 5.49  ? 2  UMS A "C4'"  1 
HETATM 26  O  "O4'"  . UMS A 1 2 ? -11.833 -4.224 1.739  1.00 4.78  ? 2  UMS A "O4'"  1 
HETATM 27  C  "C3'"  . UMS A 1 2 ? -10.426 -3.546 3.508  1.00 6.58  ? 2  UMS A "C3'"  1 
HETATM 28  O  "O3'"  . UMS A 1 2 ? -10.385 -3.529 4.932  1.00 7.95  ? 2  UMS A "O3'"  1 
HETATM 29  C  "C2'"  . UMS A 1 2 ? -9.810  -4.786 2.855  1.00 5.83  ? 2  UMS A "C2'"  1 
HETATM 30  SE "SE2'" . UMS A 1 2 ? -10.192 -6.421 3.887  0.88 7.95  ? 2  UMS A "SE2'" 1 
HETATM 31  C  "C1'"  . UMS A 1 2 ? -10.574 -4.840 1.527  1.00 5.03  ? 2  UMS A "C1'"  1 
HETATM 32  C  "CA'"  . UMS A 1 2 ? -9.060  -7.771 3.031  0.88 7.02  ? 2  UMS A "CA'"  1 
HETATM 33  N  N1     . UMS A 1 2 ? -9.884  -4.151 0.382  1.00 5.32  ? 2  UMS A N1     1 
HETATM 34  C  C2     . UMS A 1 2 ? -8.928  -4.861 -0.314 1.00 4.91  ? 2  UMS A C2     1 
HETATM 35  O  O2     . UMS A 1 2 ? -8.614  -5.999 -0.029 1.00 5.59  ? 2  UMS A O2     1 
HETATM 36  N  N3     . UMS A 1 2 ? -8.336  -4.184 -1.352 1.00 4.91  ? 2  UMS A N3     1 
HETATM 37  C  C4     . UMS A 1 2 ? -8.601  -2.887 -1.766 1.00 4.66  ? 2  UMS A C4     1 
HETATM 38  O  O4     . UMS A 1 2 ? -7.981  -2.424 -2.719 1.00 5.75  ? 2  UMS A O4     1 
HETATM 39  C  C5     . UMS A 1 2 ? -9.614  -2.201 -0.997 1.00 4.77  ? 2  UMS A C5     1 
HETATM 40  C  C6     . UMS A 1 2 ? -10.200 -2.851 0.023  1.00 5.07  ? 2  UMS A C6     1 
ATOM   41  P  P      . DG  A 1 3 ? -9.214  -2.839 5.770  1.00 9.86  ? 3  DG  A P      1 
ATOM   42  O  OP1    . DG  A 1 3 ? -9.613  -2.893 7.195  1.00 11.09 ? 3  DG  A OP1    1 
ATOM   43  O  OP2    . DG  A 1 3 ? -8.874  -1.552 5.134  1.00 11.41 ? 3  DG  A OP2    1 
ATOM   44  O  "O5'"  . DG  A 1 3 ? -8.017  -3.873 5.514  1.00 8.74  ? 3  DG  A "O5'"  1 
ATOM   45  C  "C5'"  . DG  A 1 3 ? -6.747  -3.443 5.066  1.00 7.61  ? 3  DG  A "C5'"  1 
ATOM   46  C  "C4'"  . DG  A 1 3 ? -6.029  -4.634 4.471  1.00 7.05  ? 3  DG  A "C4'"  1 
ATOM   47  O  "O4'"  . DG  A 1 3 ? -6.640  -4.957 3.198  1.00 6.57  ? 3  DG  A "O4'"  1 
ATOM   48  C  "C3'"  . DG  A 1 3 ? -4.562  -4.392 4.169  1.00 6.55  ? 3  DG  A "C3'"  1 
ATOM   49  O  "O3'"  . DG  A 1 3 ? -3.799  -4.712 5.327  1.00 6.96  ? 3  DG  A "O3'"  1 
ATOM   50  C  "C2'"  . DG  A 1 3 ? -4.327  -5.375 3.026  1.00 5.93  ? 3  DG  A "C2'"  1 
ATOM   51  C  "C1'"  . DG  A 1 3 ? -5.643  -5.293 2.254  1.00 5.56  ? 3  DG  A "C1'"  1 
ATOM   52  N  N9     . DG  A 1 3 ? -5.624  -4.270 1.214  1.00 5.02  ? 3  DG  A N9     1 
ATOM   53  C  C8     . DG  A 1 3 ? -6.355  -3.106 1.162  1.00 5.41  ? 3  DG  A C8     1 
ATOM   54  N  N7     . DG  A 1 3 ? -6.108  -2.383 0.105  1.00 5.58  ? 3  DG  A N7     1 
ATOM   55  C  C5     . DG  A 1 3 ? -5.152  -3.117 -0.589 1.00 5.38  ? 3  DG  A C5     1 
ATOM   56  C  C6     . DG  A 1 3 ? -4.494  -2.844 -1.815 1.00 4.89  ? 3  DG  A C6     1 
ATOM   57  O  O6     . DG  A 1 3 ? -4.638  -1.864 -2.555 1.00 5.31  ? 3  DG  A O6     1 
ATOM   58  N  N1     . DG  A 1 3 ? -3.591  -3.848 -2.170 1.00 4.84  ? 3  DG  A N1     1 
ATOM   59  C  C2     . DG  A 1 3 ? -3.347  -4.981 -1.426 1.00 4.79  ? 3  DG  A C2     1 
ATOM   60  N  N2     . DG  A 1 3 ? -2.446  -5.844 -1.913 1.00 5.14  ? 3  DG  A N2     1 
ATOM   61  N  N3     . DG  A 1 3 ? -3.957  -5.252 -0.277 1.00 5.12  ? 3  DG  A N3     1 
ATOM   62  C  C4     . DG  A 1 3 ? -4.843  -4.282 0.078  1.00 4.94  ? 3  DG  A C4     1 
HETATM 63  P  P      . T5S A 1 4 ? -2.349  -4.075 5.582  1.00 7.13  ? 4  T5S A P      1 
HETATM 64  O  OP1    . T5S A 1 4 ? -1.846  -4.662 6.843  1.00 8.28  ? 4  T5S A OP1    1 
HETATM 65  O  OP2    . T5S A 1 4 ? -2.453  -2.606 5.466  1.00 8.48  ? 4  T5S A OP2    1 
HETATM 66  O  "O5'"  . T5S A 1 4 ? -1.471  -4.614 4.364  1.00 6.87  ? 4  T5S A "O5'"  1 
HETATM 67  N  N1     . T5S A 1 4 ? -0.536  -4.081 0.402  1.00 5.53  ? 4  T5S A N1     1 
HETATM 68  C  C6     . T5S A 1 4 ? -1.475  -3.392 1.151  1.00 5.78  ? 4  T5S A C6     1 
HETATM 69  C  C2     . T5S A 1 4 ? -0.067  -3.577 -0.795 1.00 5.36  ? 4  T5S A C2     1 
HETATM 70  O  O2     . T5S A 1 4 ? 0.763   -4.134 -1.486 1.00 5.22  ? 4  T5S A O2     1 
HETATM 71  N  N3     . T5S A 1 4 ? -0.612  -2.376 -1.172 1.00 5.10  ? 4  T5S A N3     1 
HETATM 72  C  C4     . T5S A 1 4 ? -1.545  -1.639 -0.469 1.00 5.72  ? 4  T5S A C4     1 
HETATM 73  O  O4     . T5S A 1 4 ? -1.958  -0.573 -0.901 1.00 5.53  ? 4  T5S A O4     1 
HETATM 74  C  C5     . T5S A 1 4 ? -1.995  -2.215 0.778  1.00 5.71  ? 4  T5S A C5     1 
HETATM 75  SE SE     . T5S A 1 4 ? -3.293  -1.311 1.853  0.88 8.28  ? 4  T5S A SE     1 
HETATM 76  C  CH3    . T5S A 1 4 ? -2.302  -0.050 2.908  0.88 8.16  ? 4  T5S A CH3    1 
HETATM 77  C  "C2'"  . T5S A 1 4 ? 1.376   -5.285 1.526  1.00 5.03  ? 4  T5S A "C2'"  1 
HETATM 78  C  "C5'"  . T5S A 1 4 ? -1.033  -5.972 4.304  1.00 5.54  ? 4  T5S A "C5'"  1 
HETATM 79  C  "C4'"  . T5S A 1 4 ? -0.142  -6.166 3.092  1.00 5.13  ? 4  T5S A "C4'"  1 
HETATM 80  O  "O4'"  . T5S A 1 4 ? -0.880  -5.948 1.861  1.00 5.57  ? 4  T5S A "O4'"  1 
HETATM 81  C  "C1'"  . T5S A 1 4 ? -0.005  -5.395 0.887  1.00 6.01  ? 4  T5S A "C1'"  1 
HETATM 82  C  "C3'"  . T5S A 1 4 ? 1.010   -5.177 3.000  1.00 5.10  ? 4  T5S A "C3'"  1 
HETATM 83  O  "O3'"  . T5S A 1 4 ? 2.061   -5.578 3.872  1.00 5.36  ? 4  T5S A "O3'"  1 
ATOM   84  P  P      . DA  A 1 5 ? 3.186   -4.545 4.343  1.00 6.55  ? 5  DA  A P      1 
ATOM   85  O  OP1    . DA  A 1 5 ? 3.829   -5.142 5.530  1.00 7.15  ? 5  DA  A OP1    1 
ATOM   86  O  OP2    . DA  A 1 5 ? 2.625   -3.177 4.442  1.00 8.30  ? 5  DA  A OP2    1 
ATOM   87  O  "O5'"  . DA  A 1 5 ? 4.211   -4.609 3.117  1.00 5.34  ? 5  DA  A "O5'"  1 
ATOM   88  C  "C5'"  . DA  A 1 5 ? 4.961   -3.483 2.697  1.00 4.95  ? 5  DA  A "C5'"  1 
ATOM   89  C  "C4'"  . DA  A 1 5 ? 5.357   -3.694 1.249  1.00 4.52  ? 5  DA  A "C4'"  1 
ATOM   90  O  "O4'"  . DA  A 1 5 ? 4.168   -3.848 0.435  1.00 4.83  ? 5  DA  A "O4'"  1 
ATOM   91  C  "C3'"  . DA  A 1 5 ? 6.133   -2.547 0.628  1.00 4.46  ? 5  DA  A "C3'"  1 
ATOM   92  O  "O3'"  . DA  A 1 5 ? 7.513   -2.767 0.855  1.00 5.02  ? 5  DA  A "O3'"  1 
ATOM   93  C  "C2'"  . DA  A 1 5 ? 5.755   -2.668 -0.841 1.00 4.74  ? 5  DA  A "C2'"  1 
ATOM   94  C  "C1'"  . DA  A 1 5 ? 4.288   -3.044 -0.721 1.00 4.80  ? 5  DA  A "C1'"  1 
ATOM   95  N  N9     . DA  A 1 5 ? 3.350   -1.920 -0.619 1.00 4.54  ? 5  DA  A N9     1 
ATOM   96  C  C8     . DA  A 1 5 ? 2.545   -1.598 0.444  1.00 4.51  ? 5  DA  A C8     1 
ATOM   97  N  N7     . DA  A 1 5 ? 1.778   -0.553 0.244  1.00 4.64  ? 5  DA  A N7     1 
ATOM   98  C  C5     . DA  A 1 5 ? 2.091   -0.162 -1.049 1.00 4.56  ? 5  DA  A C5     1 
ATOM   99  C  C6     . DA  A 1 5 ? 1.624   0.888  -1.869 1.00 4.40  ? 5  DA  A C6     1 
ATOM   100 N  N6     . DA  A 1 5 ? 0.693   1.758  -1.474 1.00 4.88  ? 5  DA  A N6     1 
ATOM   101 N  N1     . DA  A 1 5 ? 2.141   1.001  -3.117 1.00 4.27  ? 5  DA  A N1     1 
ATOM   102 C  C2     . DA  A 1 5 ? 3.079   0.123  -3.505 1.00 4.55  ? 5  DA  A C2     1 
ATOM   103 N  N3     . DA  A 1 5 ? 3.590   -0.903 -2.819 1.00 4.15  ? 5  DA  A N3     1 
ATOM   104 C  C4     . DA  A 1 5 ? 3.055   -0.992 -1.592 1.00 3.98  ? 5  DA  A C4     1 
ATOM   105 P  P      . DC  A 1 6 ? 8.470   -1.519 1.143  1.00 5.36  ? 6  DC  A P      1 
ATOM   106 O  OP1    . DC  A 1 6 ? 9.823   -2.079 1.329  1.00 7.03  ? 6  DC  A OP1    1 
ATOM   107 O  OP2    . DC  A 1 6 ? 7.868   -0.661 2.184  1.00 6.61  ? 6  DC  A OP2    1 
ATOM   108 O  "O5'"  . DC  A 1 6 ? 8.419   -0.683 -0.221 1.00 5.64  ? 6  DC  A "O5'"  1 
ATOM   109 C  "C5'"  . DC  A 1 6 ? 9.063   -1.187 -1.383 1.00 5.76  ? 6  DC  A "C5'"  1 
ATOM   110 C  "C4'"  . DC  A 1 6 ? 8.760   -0.284 -2.561 1.00 6.47  ? 6  DC  A "C4'"  1 
ATOM   111 O  "O4'"  . DC  A 1 6 ? 7.334   -0.251 -2.828 1.00 5.99  ? 6  DC  A "O4'"  1 
ATOM   112 C  "C3'"  . DC  A 1 6 ? 9.108   1.178  -2.334 1.00 6.89  ? 6  DC  A "C3'"  1 
ATOM   113 O  "O3'"  . DC  A 1 6 ? 10.501  1.371  -2.490 1.00 8.00  ? 6  DC  A "O3'"  1 
ATOM   114 C  "C2'"  . DC  A 1 6 ? 8.285   1.839  -3.431 1.00 7.02  ? 6  DC  A "C2'"  1 
ATOM   115 C  "C1'"  . DC  A 1 6 ? 6.988   1.048  -3.287 1.00 6.42  ? 6  DC  A "C1'"  1 
ATOM   116 N  N1     . DC  A 1 6 ? 5.985   1.670  -2.359 1.00 5.91  ? 6  DC  A N1     1 
ATOM   117 C  C2     . DC  A 1 6 ? 5.235   2.755  -2.831 1.00 5.98  ? 6  DC  A C2     1 
ATOM   118 O  O2     . DC  A 1 6 ? 5.428   3.164  -3.987 1.00 6.50  ? 6  DC  A O2     1 
ATOM   119 N  N3     . DC  A 1 6 ? 4.313   3.318  -2.005 1.00 5.13  ? 6  DC  A N3     1 
ATOM   120 C  C4     . DC  A 1 6 ? 4.133   2.860  -0.763 1.00 5.71  ? 6  DC  A C4     1 
ATOM   121 N  N4     . DC  A 1 6 ? 3.207   3.461  -0.007 1.00 6.54  ? 6  DC  A N4     1 
ATOM   122 C  C5     . DC  A 1 6 ? 4.897   1.761  -0.257 1.00 5.67  ? 6  DC  A C5     1 
ATOM   123 C  C6     . DC  A 1 6 ? 5.795   1.202  -1.079 1.00 5.72  ? 6  DC  A C6     1 
ATOM   124 P  P      . DA  A 1 7 ? 11.246  2.584  -1.758 1.00 8.49  ? 7  DA  A P      1 
ATOM   125 O  OP1    . DA  A 1 7 ? 12.708  2.376  -1.907 1.00 8.77  ? 7  DA  A OP1    1 
ATOM   126 O  OP2    . DA  A 1 7 ? 10.660  2.784  -0.410 1.00 8.88  ? 7  DA  A OP2    1 
ATOM   127 O  "O5'"  . DA  A 1 7 ? 10.811  3.827  -2.657 1.00 7.00  ? 7  DA  A "O5'"  1 
ATOM   128 C  "C5'"  . DA  A 1 7 ? 11.234  3.934  -4.012 1.00 7.34  ? 7  DA  A "C5'"  1 
ATOM   129 C  "C4'"  . DA  A 1 7 ? 10.681  5.221  -4.580 1.00 6.93  ? 7  DA  A "C4'"  1 
ATOM   130 O  "O4'"  . DA  A 1 7 ? 9.236   5.170  -4.566 1.00 7.14  ? 7  DA  A "O4'"  1 
ATOM   131 C  "C3'"  . DA  A 1 7 ? 11.022  6.453  -3.766 1.00 6.93  ? 7  DA  A "C3'"  1 
ATOM   132 O  "O3'"  . DA  A 1 7 ? 12.271  6.943  -4.206 1.00 7.09  ? 7  DA  A "O3'"  1 
ATOM   133 C  "C2'"  . DA  A 1 7 ? 9.888   7.414  -4.096 1.00 7.14  ? 7  DA  A "C2'"  1 
ATOM   134 C  "C1'"  . DA  A 1 7 ? 8.724   6.453  -4.269 1.00 6.07  ? 7  DA  A "C1'"  1 
ATOM   135 N  N9     . DA  A 1 7 ? 7.836   6.288  -3.125 1.00 5.41  ? 7  DA  A N9     1 
ATOM   136 C  C8     . DA  A 1 7 ? 7.899   5.327  -2.153 1.00 5.56  ? 7  DA  A C8     1 
ATOM   137 N  N7     . DA  A 1 7 ? 6.936   5.414  -1.266 1.00 5.56  ? 7  DA  A N7     1 
ATOM   138 C  C5     . DA  A 1 7 ? 6.188   6.504  -1.693 1.00 4.93  ? 7  DA  A C5     1 
ATOM   139 C  C6     . DA  A 1 7 ? 5.023   7.126  -1.188 1.00 4.84  ? 7  DA  A C6     1 
ATOM   140 N  N6     . DA  A 1 7 ? 4.375   6.710  -0.097 1.00 5.17  ? 7  DA  A N6     1 
ATOM   141 N  N1     . DA  A 1 7 ? 4.544   8.201  -1.860 1.00 5.30  ? 7  DA  A N1     1 
ATOM   142 C  C2     . DA  A 1 7 ? 5.183   8.626  -2.957 1.00 5.92  ? 7  DA  A C2     1 
ATOM   143 N  N3     . DA  A 1 7 ? 6.281   8.124  -3.525 1.00 5.90  ? 7  DA  A N3     1 
ATOM   144 C  C4     . DA  A 1 7 ? 6.732   7.055  -2.839 1.00 5.50  ? 7  DA  A C4     1 
ATOM   145 P  P      . DC  A 1 8 ? 13.185  7.784  -3.200 1.00 7.72  ? 8  DC  A P      1 
ATOM   146 O  OP1    . DC  A 1 8 ? 14.479  8.020  -3.879 1.00 7.36  ? 8  DC  A OP1    1 
ATOM   147 O  OP2    . DC  A 1 8 ? 13.196  7.111  -1.882 1.00 9.08  ? 8  DC  A OP2    1 
ATOM   148 O  "O5'"  . DC  A 1 8 ? 12.418  9.173  -3.048 1.00 7.42  ? 8  DC  A "O5'"  1 
ATOM   149 C  "C5'"  . DC  A 1 8 ? 12.334  10.056 -4.167 1.00 8.16  ? 8  DC  A "C5'"  1 
ATOM   150 C  "C4'"  . DC  A 1 8 ? 11.509  11.278 -3.818 1.00 8.42  ? 8  DC  A "C4'"  1 
ATOM   151 O  "O4'"  . DC  A 1 8 ? 10.203  10.832 -3.372 1.00 8.35  ? 8  DC  A "O4'"  1 
ATOM   152 C  "C3'"  . DC  A 1 8 ? 12.094  12.147 -2.703 1.00 9.27  ? 8  DC  A "C3'"  1 
ATOM   153 O  "O3'"  . DC  A 1 8 ? 12.040  13.511 -3.074 1.00 10.55 ? 8  DC  A "O3'"  1 
ATOM   154 C  "C2'"  . DC  A 1 8 ? 11.187  11.888 -1.507 1.00 8.99  ? 8  DC  A "C2'"  1 
ATOM   155 C  "C1'"  . DC  A 1 8 ? 9.870   11.481 -2.167 1.00 7.93  ? 8  DC  A "C1'"  1 
ATOM   156 N  N1     . DC  A 1 8 ? 9.087   10.552 -1.310 1.00 7.46  ? 8  DC  A N1     1 
ATOM   157 C  C2     . DC  A 1 8 ? 7.771   10.875 -0.933 1.00 7.25  ? 8  DC  A C2     1 
ATOM   158 O  O2     . DC  A 1 8 ? 7.255   11.926 -1.336 1.00 7.24  ? 8  DC  A O2     1 
ATOM   159 N  N3     . DC  A 1 8 ? 7.097   10.020 -0.126 1.00 6.50  ? 8  DC  A N3     1 
ATOM   160 C  C4     . DC  A 1 8 ? 7.673   8.886  0.299  1.00 6.86  ? 8  DC  A C4     1 
ATOM   161 N  N4     . DC  A 1 8 ? 6.970   8.075  1.098  1.00 6.90  ? 8  DC  A N4     1 
ATOM   162 C  C5     . DC  A 1 8 ? 9.006   8.533  -0.078 1.00 6.57  ? 8  DC  A C5     1 
ATOM   163 C  C6     . DC  A 1 8 ? 9.667   9.386  -0.869 1.00 6.87  ? 8  DC  A C6     1 
HETATM 164 O  O      . HOH B 2 . ? -3.475  -7.803 0.888  1.00 16.87 ? 9  HOH A O      1 
HETATM 165 O  O      . HOH B 2 . ? -11.605 -9.083 0.723  1.00 20.57 ? 10 HOH A O      1 
HETATM 166 O  O      . HOH B 2 . ? 8.979   12.722 1.409  1.00 15.70 ? 11 HOH A O      1 
HETATM 167 O  O      . HOH B 2 . ? -6.368  0.098  -3.190 1.00 16.98 ? 12 HOH A O      1 
HETATM 168 O  O      . HOH B 2 . ? -2.852  1.876  -0.162 1.00 17.89 ? 13 HOH A O      1 
HETATM 169 O  O      . HOH B 2 . ? -12.942 0.548  5.756  1.00 24.97 ? 14 HOH A O      1 
HETATM 170 O  O      . HOH B 2 . ? -8.068  -0.866 2.931  1.00 18.90 ? 15 HOH A O      1 
HETATM 171 O  O      . HOH B 2 . ? -4.342  -0.661 5.650  1.00 22.38 ? 16 HOH A O      1 
HETATM 172 O  O      . HOH B 2 . ? -12.165 2.225  -1.023 1.00 19.84 ? 17 HOH A O      1 
HETATM 173 O  O      . HOH B 2 . ? 13.680  13.063 -5.693 1.00 20.35 ? 18 HOH A O      1 
HETATM 174 O  O      . HOH B 2 . ? 6.321   -6.248 5.662  1.00 17.63 ? 19 HOH A O      1 
HETATM 175 O  O      . HOH B 2 . ? -9.147  -6.000 8.211  1.00 35.09 ? 20 HOH A O      1 
HETATM 176 O  O      . HOH B 2 . ? -9.219  0.974  1.321  1.00 20.25 ? 21 HOH A O      1 
HETATM 177 O  O      . HOH B 2 . ? 8.062   -1.995 4.604  1.00 19.82 ? 22 HOH A O      1 
HETATM 178 O  O      . HOH B 2 . ? 5.166   0.083  2.908  1.00 18.80 ? 23 HOH A O      1 
HETATM 179 O  O      . HOH B 2 . ? -5.702  0.367  3.593  1.00 23.42 ? 24 HOH A O      1 
HETATM 180 O  O      . HOH B 2 . ? 3.950   -0.962 5.038  1.00 22.19 ? 25 HOH A O      1 
HETATM 181 O  O      . HOH B 2 . ? 10.802  -4.104 -0.328 1.00 22.52 ? 26 HOH A O      1 
HETATM 182 O  O      . HOH B 2 . ? 10.639  5.018  1.065  1.00 22.24 ? 27 HOH A O      1 
HETATM 183 O  O      . HOH B 2 . ? -0.761  2.978  1.293  1.00 21.07 ? 28 HOH A O      1 
HETATM 184 O  O      . HOH B 2 . ? -10.536 -0.097 -5.331 1.00 26.22 ? 29 HOH A O      1 
HETATM 185 O  O      . HOH B 2 . ? -6.270  -9.578 0.552  1.00 19.92 ? 30 HOH A O      1 
HETATM 186 O  O      . HOH B 2 . ? 8.065   3.523  0.385  1.00 20.78 ? 31 HOH A O      1 
HETATM 187 O  O      . HOH B 2 . ? -3.914  -7.197 7.457  1.00 29.84 ? 32 HOH A O      1 
HETATM 188 O  O      . HOH B 2 . ? 6.020   4.612  1.814  1.00 33.03 ? 33 HOH A O      1 
HETATM 189 O  O      . HOH B 2 . ? 7.950   -4.879 3.973  1.00 20.77 ? 34 HOH A O      1 
HETATM 190 O  O      . HOH B 2 . ? 14.376  4.643  -1.651 1.00 31.82 ? 35 HOH A O      1 
HETATM 191 O  O      . HOH B 2 . ? 3.959   6.899  3.459  1.00 17.80 ? 36 HOH A O      1 
HETATM 192 O  O      . HOH B 2 . ? 8.476   1.929  2.340  1.00 32.20 ? 37 HOH A O      1 
HETATM 193 O  O      . HOH B 2 . ? 2.857   1.288  6.434  1.00 31.24 ? 38 HOH A O      1 
HETATM 194 O  O      . HOH B 2 . ? 5.158   -2.848 -4.213 1.00 8.45  ? 39 HOH A O      1 
HETATM 195 O  O      . HOH B 2 . ? 7.829   -3.620 -4.150 1.00 12.49 ? 40 HOH A O      1 
HETATM 196 O  O      . HOH B 2 . ? -14.831 2.812  3.094  1.00 13.55 ? 41 HOH A O      1 
HETATM 197 O  O      . HOH B 2 . ? -8.871  -8.676 -0.417 1.00 15.44 ? 42 HOH A O      1 
HETATM 198 O  O      . HOH B 2 . ? 9.795   -2.031 -5.487 1.00 17.40 ? 43 HOH A O      1 
HETATM 199 O  O      . HOH B 2 . ? 14.654  8.696  -6.513 1.00 13.37 ? 44 HOH A O      1 
HETATM 200 O  O      . HOH B 2 . ? 1.260   1.369  2.198  1.00 21.42 ? 45 HOH A O      1 
HETATM 201 O  O      . HOH B 2 . ? -7.052  0.191  -0.324 1.00 17.51 ? 46 HOH A O      1 
# 
loop_
_pdbx_poly_seq_scheme.asym_id 
_pdbx_poly_seq_scheme.entity_id 
_pdbx_poly_seq_scheme.seq_id 
_pdbx_poly_seq_scheme.mon_id 
_pdbx_poly_seq_scheme.ndb_seq_num 
_pdbx_poly_seq_scheme.pdb_seq_num 
_pdbx_poly_seq_scheme.auth_seq_num 
_pdbx_poly_seq_scheme.pdb_mon_id 
_pdbx_poly_seq_scheme.auth_mon_id 
_pdbx_poly_seq_scheme.pdb_strand_id 
_pdbx_poly_seq_scheme.pdb_ins_code 
_pdbx_poly_seq_scheme.hetero 
A 1 1 DG  1 1 1 DG  G   A . n 
A 1 2 UMS 2 2 2 UMS UMS A . n 
A 1 3 DG  3 3 3 DG  G   A . n 
A 1 4 T5S 4 4 4 T5S T5S A . n 
A 1 5 DA  5 5 5 DA  A   A . n 
A 1 6 DC  6 6 6 DC  C   A . n 
A 1 7 DA  7 7 7 DA  A   A . n 
A 1 8 DC  8 8 8 DC  C   A . n 
# 
loop_
_pdbx_nonpoly_scheme.asym_id 
_pdbx_nonpoly_scheme.entity_id 
_pdbx_nonpoly_scheme.mon_id 
_pdbx_nonpoly_scheme.ndb_seq_num 
_pdbx_nonpoly_scheme.pdb_seq_num 
_pdbx_nonpoly_scheme.auth_seq_num 
_pdbx_nonpoly_scheme.pdb_mon_id 
_pdbx_nonpoly_scheme.auth_mon_id 
_pdbx_nonpoly_scheme.pdb_strand_id 
_pdbx_nonpoly_scheme.pdb_ins_code 
B 2 HOH 1  9  9  HOH HOH A . 
B 2 HOH 2  10 10 HOH HOH A . 
B 2 HOH 3  11 11 HOH HOH A . 
B 2 HOH 4  12 12 HOH HOH A . 
B 2 HOH 5  13 13 HOH HOH A . 
B 2 HOH 6  14 14 HOH HOH A . 
B 2 HOH 7  15 15 HOH HOH A . 
B 2 HOH 8  16 16 HOH HOH A . 
B 2 HOH 9  17 17 HOH HOH A . 
B 2 HOH 10 18 18 HOH HOH A . 
B 2 HOH 11 19 19 HOH HOH A . 
B 2 HOH 12 20 20 HOH HOH A . 
B 2 HOH 13 21 21 HOH HOH A . 
B 2 HOH 14 22 22 HOH HOH A . 
B 2 HOH 15 23 23 HOH HOH A . 
B 2 HOH 16 24 24 HOH HOH A . 
B 2 HOH 17 25 25 HOH HOH A . 
B 2 HOH 18 26 26 HOH HOH A . 
B 2 HOH 19 27 27 HOH HOH A . 
B 2 HOH 20 28 28 HOH HOH A . 
B 2 HOH 21 29 29 HOH HOH A . 
B 2 HOH 22 30 30 HOH HOH A . 
B 2 HOH 23 31 31 HOH HOH A . 
B 2 HOH 24 32 32 HOH HOH A . 
B 2 HOH 25 33 33 HOH HOH A . 
B 2 HOH 26 34 34 HOH HOH A . 
B 2 HOH 27 35 35 HOH HOH A . 
B 2 HOH 28 36 36 HOH HOH A . 
B 2 HOH 29 37 37 HOH HOH A . 
B 2 HOH 30 38 38 HOH HOH A . 
B 2 HOH 31 39 1  HOH HOH A . 
B 2 HOH 32 40 2  HOH HOH A . 
B 2 HOH 33 41 3  HOH HOH A . 
B 2 HOH 34 42 4  HOH HOH A . 
B 2 HOH 35 43 5  HOH HOH A . 
B 2 HOH 36 44 6  HOH HOH A . 
B 2 HOH 37 45 7  HOH HOH A . 
B 2 HOH 38 46 8  HOH HOH A . 
# 
loop_
_pdbx_struct_mod_residue.id 
_pdbx_struct_mod_residue.label_asym_id 
_pdbx_struct_mod_residue.label_comp_id 
_pdbx_struct_mod_residue.label_seq_id 
_pdbx_struct_mod_residue.auth_asym_id 
_pdbx_struct_mod_residue.auth_comp_id 
_pdbx_struct_mod_residue.auth_seq_id 
_pdbx_struct_mod_residue.PDB_ins_code 
_pdbx_struct_mod_residue.parent_comp_id 
_pdbx_struct_mod_residue.details 
1 A UMS 2 A UMS 2 ? DU ? 
2 A T5S 4 A T5S 4 ? DT ? 
# 
_pdbx_struct_assembly.id                   1 
_pdbx_struct_assembly.details              author_and_software_defined_assembly 
_pdbx_struct_assembly.method_details       PISA 
_pdbx_struct_assembly.oligomeric_details   dimeric 
_pdbx_struct_assembly.oligomeric_count     2 
# 
_pdbx_struct_assembly_gen.assembly_id       1 
_pdbx_struct_assembly_gen.oper_expression   1,2 
_pdbx_struct_assembly_gen.asym_id_list      A,B 
# 
loop_
_pdbx_struct_assembly_prop.biol_id 
_pdbx_struct_assembly_prop.type 
_pdbx_struct_assembly_prop.value 
_pdbx_struct_assembly_prop.details 
1 'ABSA (A^2)' 1930 ? 
1 MORE         8    ? 
1 'SSA (A^2)'  2950 ? 
# 
loop_
_pdbx_struct_oper_list.id 
_pdbx_struct_oper_list.type 
_pdbx_struct_oper_list.name 
_pdbx_struct_oper_list.symmetry_operation 
_pdbx_struct_oper_list.matrix[1][1] 
_pdbx_struct_oper_list.matrix[1][2] 
_pdbx_struct_oper_list.matrix[1][3] 
_pdbx_struct_oper_list.vector[1] 
_pdbx_struct_oper_list.matrix[2][1] 
_pdbx_struct_oper_list.matrix[2][2] 
_pdbx_struct_oper_list.matrix[2][3] 
_pdbx_struct_oper_list.vector[2] 
_pdbx_struct_oper_list.matrix[3][1] 
_pdbx_struct_oper_list.matrix[3][2] 
_pdbx_struct_oper_list.matrix[3][3] 
_pdbx_struct_oper_list.vector[3] 
1 'identity operation'         1_555 x,y,z            1.0000000000 0.0000000000  0.0000000000  0.0000000000  0.0000000000  1.0000000000  0.0000000000 0.0000000000 0.0000000000  0.0000000000 1.0000000000  0.0000000000  
2 'crystal symmetry operation' 8_666 -y+1,-x+1,-z+3/2 0.0614637328 -0.7980017323 -0.5995126728 -1.2884107559 -0.7980017323 -0.4000673362 0.4507098421 2.0576712594 -0.5995126728 0.4507098421 -0.6613963966 -5.0201216027 
# 
loop_
_pdbx_audit_revision_history.ordinal 
_pdbx_audit_revision_history.data_content_type 
_pdbx_audit_revision_history.major_revision 
_pdbx_audit_revision_history.minor_revision 
_pdbx_audit_revision_history.revision_date 
1 'Structure model' 1 0 2010-03-09 
2 'Structure model' 1 1 2011-07-13 
3 'Structure model' 1 2 2012-06-13 
4 'Structure model' 1 3 2012-09-26 
5 'Structure model' 1 4 2023-08-02 
6 'Structure model' 1 5 2023-09-06 
# 
_pdbx_audit_revision_details.ordinal             1 
_pdbx_audit_revision_details.revision_ordinal    1 
_pdbx_audit_revision_details.data_content_type   'Structure model' 
_pdbx_audit_revision_details.provider            repository 
_pdbx_audit_revision_details.type                'Initial release' 
_pdbx_audit_revision_details.description         ? 
_pdbx_audit_revision_details.details             ? 
# 
loop_
_pdbx_audit_revision_group.ordinal 
_pdbx_audit_revision_group.revision_ordinal 
_pdbx_audit_revision_group.data_content_type 
_pdbx_audit_revision_group.group 
1 2 'Structure model' Advisory                    
2 2 'Structure model' 'Version format compliance' 
3 3 'Structure model' 'Database references'       
4 4 'Structure model' 'Database references'       
5 5 'Structure model' 'Database references'       
6 5 'Structure model' 'Derived calculations'      
7 5 'Structure model' 'Source and taxonomy'       
8 6 'Structure model' 'Data collection'           
9 6 'Structure model' 'Refinement description'    
# 
loop_
_pdbx_audit_revision_category.ordinal 
_pdbx_audit_revision_category.revision_ordinal 
_pdbx_audit_revision_category.data_content_type 
_pdbx_audit_revision_category.category 
1 5 'Structure model' citation                      
2 5 'Structure model' citation_author               
3 5 'Structure model' database_2                    
4 5 'Structure model' pdbx_entity_src_syn           
5 5 'Structure model' struct_conn                   
6 6 'Structure model' chem_comp_atom                
7 6 'Structure model' chem_comp_bond                
8 6 'Structure model' pdbx_initial_refinement_model 
# 
loop_
_pdbx_audit_revision_item.ordinal 
_pdbx_audit_revision_item.revision_ordinal 
_pdbx_audit_revision_item.data_content_type 
_pdbx_audit_revision_item.item 
1  5 'Structure model' '_citation.country'                        
2  5 'Structure model' '_citation.journal_abbrev'                 
3  5 'Structure model' '_citation.journal_id_ASTM'                
4  5 'Structure model' '_citation.journal_id_CSD'                 
5  5 'Structure model' '_citation.journal_id_ISSN'                
6  5 'Structure model' '_citation.journal_volume'                 
7  5 'Structure model' '_citation.page_first'                     
8  5 'Structure model' '_citation.page_last'                      
9  5 'Structure model' '_citation.pdbx_database_id_DOI'           
10 5 'Structure model' '_citation.pdbx_database_id_PubMed'        
11 5 'Structure model' '_citation.title'                          
12 5 'Structure model' '_citation.year'                           
13 5 'Structure model' '_database_2.pdbx_DOI'                     
14 5 'Structure model' '_database_2.pdbx_database_accession'      
15 5 'Structure model' '_pdbx_entity_src_syn.ncbi_taxonomy_id'    
16 5 'Structure model' '_pdbx_entity_src_syn.organism_scientific' 
17 5 'Structure model' '_struct_conn.pdbx_leaving_atom_flag'      
# 
loop_
_pdbx_refine_tls.pdbx_refine_id 
_pdbx_refine_tls.id 
_pdbx_refine_tls.details 
_pdbx_refine_tls.method 
_pdbx_refine_tls.origin_x 
_pdbx_refine_tls.origin_y 
_pdbx_refine_tls.origin_z 
_pdbx_refine_tls.T[1][1] 
_pdbx_refine_tls.T[2][2] 
_pdbx_refine_tls.T[3][3] 
_pdbx_refine_tls.T[1][2] 
_pdbx_refine_tls.T[1][3] 
_pdbx_refine_tls.T[2][3] 
_pdbx_refine_tls.L[1][1] 
_pdbx_refine_tls.L[2][2] 
_pdbx_refine_tls.L[3][3] 
_pdbx_refine_tls.L[1][2] 
_pdbx_refine_tls.L[1][3] 
_pdbx_refine_tls.L[2][3] 
_pdbx_refine_tls.S[1][1] 
_pdbx_refine_tls.S[1][2] 
_pdbx_refine_tls.S[1][3] 
_pdbx_refine_tls.S[2][1] 
_pdbx_refine_tls.S[2][2] 
_pdbx_refine_tls.S[2][3] 
_pdbx_refine_tls.S[3][1] 
_pdbx_refine_tls.S[3][2] 
_pdbx_refine_tls.S[3][3] 
'X-RAY DIFFRACTION' 1 ? refined -7.3075 -3.4972 0.8256  0.0357 0.0741 0.0471 0.0103  0.0053 0.0056  5.1732 0.3220 1.0558 1.0491 -2.2562 -0.3690 0.0538 -0.2888 -0.0618 0.0351  -0.0711 0.0024  0.0054  0.0942 0.0175 
'X-RAY DIFFRACTION' 2 ? refined 7.3263  3.6388  -1.4227 0.0211 0.0489 0.0300 -0.0036 0.0039 -0.0080 2.3863 4.7574 2.3138 2.1219 -0.8215 -1.6242 0.1115 -0.0694 -0.0382 -0.0085 -0.1210 -0.0463 -0.0463 0.1757 0.0094 
# 
loop_
_pdbx_refine_tls_group.pdbx_refine_id 
_pdbx_refine_tls_group.id 
_pdbx_refine_tls_group.refine_tls_id 
_pdbx_refine_tls_group.beg_auth_asym_id 
_pdbx_refine_tls_group.beg_auth_seq_id 
_pdbx_refine_tls_group.beg_label_asym_id 
_pdbx_refine_tls_group.beg_label_seq_id 
_pdbx_refine_tls_group.end_auth_asym_id 
_pdbx_refine_tls_group.end_auth_seq_id 
_pdbx_refine_tls_group.end_label_asym_id 
_pdbx_refine_tls_group.end_label_seq_id 
_pdbx_refine_tls_group.selection 
_pdbx_refine_tls_group.selection_details 
'X-RAY DIFFRACTION' 1 1 A 1 ? ? A 4 ? ? ? ? 
'X-RAY DIFFRACTION' 2 2 A 5 ? ? A 8 ? ? ? ? 
# 
loop_
_software.name 
_software.classification 
_software.version 
_software.citation_id 
_software.pdbx_ordinal 
CBASS    'data collection' .        ? 1 
PHASES   phasing           .        ? 2 
REFMAC   refinement        5.2.0019 ? 3 
HKL-2000 'data reduction'  .        ? 4 
HKL-2000 'data scaling'    .        ? 5 
# 
loop_
_chem_comp_atom.comp_id 
_chem_comp_atom.atom_id 
_chem_comp_atom.type_symbol 
_chem_comp_atom.pdbx_aromatic_flag 
_chem_comp_atom.pdbx_stereo_config 
_chem_comp_atom.pdbx_ordinal 
DA  OP3    O  N N 1   
DA  P      P  N N 2   
DA  OP1    O  N N 3   
DA  OP2    O  N N 4   
DA  "O5'"  O  N N 5   
DA  "C5'"  C  N N 6   
DA  "C4'"  C  N R 7   
DA  "O4'"  O  N N 8   
DA  "C3'"  C  N S 9   
DA  "O3'"  O  N N 10  
DA  "C2'"  C  N N 11  
DA  "C1'"  C  N R 12  
DA  N9     N  Y N 13  
DA  C8     C  Y N 14  
DA  N7     N  Y N 15  
DA  C5     C  Y N 16  
DA  C6     C  Y N 17  
DA  N6     N  N N 18  
DA  N1     N  Y N 19  
DA  C2     C  Y N 20  
DA  N3     N  Y N 21  
DA  C4     C  Y N 22  
DA  HOP3   H  N N 23  
DA  HOP2   H  N N 24  
DA  "H5'"  H  N N 25  
DA  "H5''" H  N N 26  
DA  "H4'"  H  N N 27  
DA  "H3'"  H  N N 28  
DA  "HO3'" H  N N 29  
DA  "H2'"  H  N N 30  
DA  "H2''" H  N N 31  
DA  "H1'"  H  N N 32  
DA  H8     H  N N 33  
DA  H61    H  N N 34  
DA  H62    H  N N 35  
DA  H2     H  N N 36  
DC  OP3    O  N N 37  
DC  P      P  N N 38  
DC  OP1    O  N N 39  
DC  OP2    O  N N 40  
DC  "O5'"  O  N N 41  
DC  "C5'"  C  N N 42  
DC  "C4'"  C  N R 43  
DC  "O4'"  O  N N 44  
DC  "C3'"  C  N S 45  
DC  "O3'"  O  N N 46  
DC  "C2'"  C  N N 47  
DC  "C1'"  C  N R 48  
DC  N1     N  N N 49  
DC  C2     C  N N 50  
DC  O2     O  N N 51  
DC  N3     N  N N 52  
DC  C4     C  N N 53  
DC  N4     N  N N 54  
DC  C5     C  N N 55  
DC  C6     C  N N 56  
DC  HOP3   H  N N 57  
DC  HOP2   H  N N 58  
DC  "H5'"  H  N N 59  
DC  "H5''" H  N N 60  
DC  "H4'"  H  N N 61  
DC  "H3'"  H  N N 62  
DC  "HO3'" H  N N 63  
DC  "H2'"  H  N N 64  
DC  "H2''" H  N N 65  
DC  "H1'"  H  N N 66  
DC  H41    H  N N 67  
DC  H42    H  N N 68  
DC  H5     H  N N 69  
DC  H6     H  N N 70  
DG  OP3    O  N N 71  
DG  P      P  N N 72  
DG  OP1    O  N N 73  
DG  OP2    O  N N 74  
DG  "O5'"  O  N N 75  
DG  "C5'"  C  N N 76  
DG  "C4'"  C  N R 77  
DG  "O4'"  O  N N 78  
DG  "C3'"  C  N S 79  
DG  "O3'"  O  N N 80  
DG  "C2'"  C  N N 81  
DG  "C1'"  C  N R 82  
DG  N9     N  Y N 83  
DG  C8     C  Y N 84  
DG  N7     N  Y N 85  
DG  C5     C  Y N 86  
DG  C6     C  N N 87  
DG  O6     O  N N 88  
DG  N1     N  N N 89  
DG  C2     C  N N 90  
DG  N2     N  N N 91  
DG  N3     N  N N 92  
DG  C4     C  Y N 93  
DG  HOP3   H  N N 94  
DG  HOP2   H  N N 95  
DG  "H5'"  H  N N 96  
DG  "H5''" H  N N 97  
DG  "H4'"  H  N N 98  
DG  "H3'"  H  N N 99  
DG  "HO3'" H  N N 100 
DG  "H2'"  H  N N 101 
DG  "H2''" H  N N 102 
DG  "H1'"  H  N N 103 
DG  H8     H  N N 104 
DG  H1     H  N N 105 
DG  H21    H  N N 106 
DG  H22    H  N N 107 
HOH O      O  N N 108 
HOH H1     H  N N 109 
HOH H2     H  N N 110 
T5S OP3    O  N N 111 
T5S P      P  N N 112 
T5S OP1    O  N N 113 
T5S OP2    O  N N 114 
T5S "O5'"  O  N N 115 
T5S N1     N  N N 116 
T5S C6     C  N N 117 
T5S C2     C  N N 118 
T5S O2     O  N N 119 
T5S N3     N  N N 120 
T5S C4     C  N N 121 
T5S O4     O  N N 122 
T5S C5     C  N N 123 
T5S SE     SE N N 124 
T5S CH3    C  N N 125 
T5S "C2'"  C  N N 126 
T5S "C5'"  C  N N 127 
T5S "C4'"  C  N R 128 
T5S "O4'"  O  N N 129 
T5S "C1'"  C  N R 130 
T5S "C3'"  C  N S 131 
T5S "O3'"  O  N N 132 
T5S HOP3   H  N N 133 
T5S HOP2   H  N N 134 
T5S H6     H  N N 135 
T5S HN3    H  N N 136 
T5S HH3    H  N N 137 
T5S HH3A   H  N N 138 
T5S HH3B   H  N N 139 
T5S "H2'"  H  N N 140 
T5S "H2'A" H  N N 141 
T5S "H5'"  H  N N 142 
T5S "H5'A" H  N N 143 
T5S "H4'"  H  N N 144 
T5S "H1'"  H  N N 145 
T5S "H3'"  H  N N 146 
T5S "HO3'" H  N N 147 
UMS OP3    O  N N 148 
UMS P      P  N N 149 
UMS OP1    O  N N 150 
UMS OP2    O  N N 151 
UMS "O5'"  O  N N 152 
UMS "C5'"  C  N N 153 
UMS "C4'"  C  N R 154 
UMS "O4'"  O  N N 155 
UMS "C3'"  C  N R 156 
UMS "O3'"  O  N N 157 
UMS "C2'"  C  N R 158 
UMS "SE2'" SE N N 159 
UMS "C1'"  C  N R 160 
UMS "CA'"  C  N N 161 
UMS N1     N  N N 162 
UMS C2     C  N N 163 
UMS O2     O  N N 164 
UMS N3     N  N N 165 
UMS C4     C  N N 166 
UMS O4     O  N N 167 
UMS C5     C  N N 168 
UMS C6     C  N N 169 
UMS HOP3   H  N N 170 
UMS HOP2   H  N N 171 
UMS "H5'"  H  N N 172 
UMS "H5'2" H  N N 173 
UMS "H4'"  H  N N 174 
UMS "H3'"  H  N N 175 
UMS "HO3'" H  N N 176 
UMS "H2'"  H  N N 177 
UMS "H1'"  H  N N 178 
UMS "HA'"  H  N N 179 
UMS "HA'2" H  N N 180 
UMS "HA'3" H  N N 181 
UMS H3     H  N N 182 
UMS H5     H  N N 183 
UMS H6     H  N N 184 
# 
loop_
_chem_comp_bond.comp_id 
_chem_comp_bond.atom_id_1 
_chem_comp_bond.atom_id_2 
_chem_comp_bond.value_order 
_chem_comp_bond.pdbx_aromatic_flag 
_chem_comp_bond.pdbx_stereo_config 
_chem_comp_bond.pdbx_ordinal 
DA  OP3    P      sing N N 1   
DA  OP3    HOP3   sing N N 2   
DA  P      OP1    doub N N 3   
DA  P      OP2    sing N N 4   
DA  P      "O5'"  sing N N 5   
DA  OP2    HOP2   sing N N 6   
DA  "O5'"  "C5'"  sing N N 7   
DA  "C5'"  "C4'"  sing N N 8   
DA  "C5'"  "H5'"  sing N N 9   
DA  "C5'"  "H5''" sing N N 10  
DA  "C4'"  "O4'"  sing N N 11  
DA  "C4'"  "C3'"  sing N N 12  
DA  "C4'"  "H4'"  sing N N 13  
DA  "O4'"  "C1'"  sing N N 14  
DA  "C3'"  "O3'"  sing N N 15  
DA  "C3'"  "C2'"  sing N N 16  
DA  "C3'"  "H3'"  sing N N 17  
DA  "O3'"  "HO3'" sing N N 18  
DA  "C2'"  "C1'"  sing N N 19  
DA  "C2'"  "H2'"  sing N N 20  
DA  "C2'"  "H2''" sing N N 21  
DA  "C1'"  N9     sing N N 22  
DA  "C1'"  "H1'"  sing N N 23  
DA  N9     C8     sing Y N 24  
DA  N9     C4     sing Y N 25  
DA  C8     N7     doub Y N 26  
DA  C8     H8     sing N N 27  
DA  N7     C5     sing Y N 28  
DA  C5     C6     sing Y N 29  
DA  C5     C4     doub Y N 30  
DA  C6     N6     sing N N 31  
DA  C6     N1     doub Y N 32  
DA  N6     H61    sing N N 33  
DA  N6     H62    sing N N 34  
DA  N1     C2     sing Y N 35  
DA  C2     N3     doub Y N 36  
DA  C2     H2     sing N N 37  
DA  N3     C4     sing Y N 38  
DC  OP3    P      sing N N 39  
DC  OP3    HOP3   sing N N 40  
DC  P      OP1    doub N N 41  
DC  P      OP2    sing N N 42  
DC  P      "O5'"  sing N N 43  
DC  OP2    HOP2   sing N N 44  
DC  "O5'"  "C5'"  sing N N 45  
DC  "C5'"  "C4'"  sing N N 46  
DC  "C5'"  "H5'"  sing N N 47  
DC  "C5'"  "H5''" sing N N 48  
DC  "C4'"  "O4'"  sing N N 49  
DC  "C4'"  "C3'"  sing N N 50  
DC  "C4'"  "H4'"  sing N N 51  
DC  "O4'"  "C1'"  sing N N 52  
DC  "C3'"  "O3'"  sing N N 53  
DC  "C3'"  "C2'"  sing N N 54  
DC  "C3'"  "H3'"  sing N N 55  
DC  "O3'"  "HO3'" sing N N 56  
DC  "C2'"  "C1'"  sing N N 57  
DC  "C2'"  "H2'"  sing N N 58  
DC  "C2'"  "H2''" sing N N 59  
DC  "C1'"  N1     sing N N 60  
DC  "C1'"  "H1'"  sing N N 61  
DC  N1     C2     sing N N 62  
DC  N1     C6     sing N N 63  
DC  C2     O2     doub N N 64  
DC  C2     N3     sing N N 65  
DC  N3     C4     doub N N 66  
DC  C4     N4     sing N N 67  
DC  C4     C5     sing N N 68  
DC  N4     H41    sing N N 69  
DC  N4     H42    sing N N 70  
DC  C5     C6     doub N N 71  
DC  C5     H5     sing N N 72  
DC  C6     H6     sing N N 73  
DG  OP3    P      sing N N 74  
DG  OP3    HOP3   sing N N 75  
DG  P      OP1    doub N N 76  
DG  P      OP2    sing N N 77  
DG  P      "O5'"  sing N N 78  
DG  OP2    HOP2   sing N N 79  
DG  "O5'"  "C5'"  sing N N 80  
DG  "C5'"  "C4'"  sing N N 81  
DG  "C5'"  "H5'"  sing N N 82  
DG  "C5'"  "H5''" sing N N 83  
DG  "C4'"  "O4'"  sing N N 84  
DG  "C4'"  "C3'"  sing N N 85  
DG  "C4'"  "H4'"  sing N N 86  
DG  "O4'"  "C1'"  sing N N 87  
DG  "C3'"  "O3'"  sing N N 88  
DG  "C3'"  "C2'"  sing N N 89  
DG  "C3'"  "H3'"  sing N N 90  
DG  "O3'"  "HO3'" sing N N 91  
DG  "C2'"  "C1'"  sing N N 92  
DG  "C2'"  "H2'"  sing N N 93  
DG  "C2'"  "H2''" sing N N 94  
DG  "C1'"  N9     sing N N 95  
DG  "C1'"  "H1'"  sing N N 96  
DG  N9     C8     sing Y N 97  
DG  N9     C4     sing Y N 98  
DG  C8     N7     doub Y N 99  
DG  C8     H8     sing N N 100 
DG  N7     C5     sing Y N 101 
DG  C5     C6     sing N N 102 
DG  C5     C4     doub Y N 103 
DG  C6     O6     doub N N 104 
DG  C6     N1     sing N N 105 
DG  N1     C2     sing N N 106 
DG  N1     H1     sing N N 107 
DG  C2     N2     sing N N 108 
DG  C2     N3     doub N N 109 
DG  N2     H21    sing N N 110 
DG  N2     H22    sing N N 111 
DG  N3     C4     sing N N 112 
HOH O      H1     sing N N 113 
HOH O      H2     sing N N 114 
T5S P      OP3    sing N N 115 
T5S OP3    HOP3   sing N N 116 
T5S OP1    P      doub N N 117 
T5S P      OP2    sing N N 118 
T5S P      "O5'"  sing N N 119 
T5S OP2    HOP2   sing N N 120 
T5S "C5'"  "O5'"  sing N N 121 
T5S "C1'"  N1     sing N N 122 
T5S C6     N1     sing N N 123 
T5S N1     C2     sing N N 124 
T5S C6     C5     doub N N 125 
T5S C6     H6     sing N N 126 
T5S C2     O2     doub N N 127 
T5S C2     N3     sing N N 128 
T5S C4     N3     sing N N 129 
T5S N3     HN3    sing N N 130 
T5S C5     C4     sing N N 131 
T5S C4     O4     doub N N 132 
T5S SE     C5     sing N N 133 
T5S CH3    SE     sing N N 134 
T5S CH3    HH3    sing N N 135 
T5S CH3    HH3A   sing N N 136 
T5S CH3    HH3B   sing N N 137 
T5S "C3'"  "C2'"  sing N N 138 
T5S "C2'"  "C1'"  sing N N 139 
T5S "C2'"  "H2'"  sing N N 140 
T5S "C2'"  "H2'A" sing N N 141 
T5S "C5'"  "C4'"  sing N N 142 
T5S "C5'"  "H5'"  sing N N 143 
T5S "C5'"  "H5'A" sing N N 144 
T5S "C3'"  "C4'"  sing N N 145 
T5S "C4'"  "O4'"  sing N N 146 
T5S "C4'"  "H4'"  sing N N 147 
T5S "O4'"  "C1'"  sing N N 148 
T5S "C1'"  "H1'"  sing N N 149 
T5S "O3'"  "C3'"  sing N N 150 
T5S "C3'"  "H3'"  sing N N 151 
T5S "O3'"  "HO3'" sing N N 152 
UMS OP3    P      sing N N 153 
UMS OP3    HOP3   sing N N 154 
UMS P      OP1    doub N N 155 
UMS P      OP2    sing N N 156 
UMS P      "O5'"  sing N N 157 
UMS OP2    HOP2   sing N N 158 
UMS "O5'"  "C5'"  sing N N 159 
UMS "C5'"  "C4'"  sing N N 160 
UMS "C5'"  "H5'"  sing N N 161 
UMS "C5'"  "H5'2" sing N N 162 
UMS "C4'"  "O4'"  sing N N 163 
UMS "C4'"  "C3'"  sing N N 164 
UMS "C4'"  "H4'"  sing N N 165 
UMS "O4'"  "C1'"  sing N N 166 
UMS "C3'"  "O3'"  sing N N 167 
UMS "C3'"  "C2'"  sing N N 168 
UMS "C3'"  "H3'"  sing N N 169 
UMS "O3'"  "HO3'" sing N N 170 
UMS "C2'"  "SE2'" sing N N 171 
UMS "C2'"  "C1'"  sing N N 172 
UMS "C2'"  "H2'"  sing N N 173 
UMS "SE2'" "CA'"  sing N N 174 
UMS "C1'"  N1     sing N N 175 
UMS "C1'"  "H1'"  sing N N 176 
UMS "CA'"  "HA'"  sing N N 177 
UMS "CA'"  "HA'2" sing N N 178 
UMS "CA'"  "HA'3" sing N N 179 
UMS N1     C2     sing N N 180 
UMS N1     C6     sing N N 181 
UMS C2     O2     doub N N 182 
UMS C2     N3     sing N N 183 
UMS N3     C4     sing N N 184 
UMS N3     H3     sing N N 185 
UMS C4     O4     doub N N 186 
UMS C4     C5     sing N N 187 
UMS C5     C6     doub N N 188 
UMS C5     H5     sing N N 189 
UMS C6     H6     sing N N 190 
# 
_ndb_struct_conf_na.entry_id   3LTU 
_ndb_struct_conf_na.feature    'a-form double helix' 
# 
loop_
_ndb_struct_na_base_pair.model_number 
_ndb_struct_na_base_pair.i_label_asym_id 
_ndb_struct_na_base_pair.i_label_comp_id 
_ndb_struct_na_base_pair.i_label_seq_id 
_ndb_struct_na_base_pair.i_symmetry 
_ndb_struct_na_base_pair.j_label_asym_id 
_ndb_struct_na_base_pair.j_label_comp_id 
_ndb_struct_na_base_pair.j_label_seq_id 
_ndb_struct_na_base_pair.j_symmetry 
_ndb_struct_na_base_pair.shear 
_ndb_struct_na_base_pair.stretch 
_ndb_struct_na_base_pair.stagger 
_ndb_struct_na_base_pair.buckle 
_ndb_struct_na_base_pair.propeller 
_ndb_struct_na_base_pair.opening 
_ndb_struct_na_base_pair.pair_number 
_ndb_struct_na_base_pair.pair_name 
_ndb_struct_na_base_pair.i_auth_asym_id 
_ndb_struct_na_base_pair.i_auth_seq_id 
_ndb_struct_na_base_pair.i_PDB_ins_code 
_ndb_struct_na_base_pair.j_auth_asym_id 
_ndb_struct_na_base_pair.j_auth_seq_id 
_ndb_struct_na_base_pair.j_PDB_ins_code 
_ndb_struct_na_base_pair.hbond_type_28 
_ndb_struct_na_base_pair.hbond_type_12 
1 A DG  1 1_555 A DC  8 8_666 -0.343 -0.120 -0.396 -19.126 -13.473 -1.689 1 A_DG1:DC8_A  A 1 ? A 8 ? 19 1 
1 A UMS 2 1_555 A DA  7 8_666 -0.023 -0.082 0.164  -6.710  -10.915 2.899  2 A_UMS2:DA7_A A 2 ? A 7 ? 20 1 
1 A DG  3 1_555 A DC  6 8_666 -0.280 -0.188 0.260  -4.428  -12.903 0.261  3 A_DG3:DC6_A  A 3 ? A 6 ? 19 1 
1 A T5S 4 1_555 A DA  5 8_666 -0.171 -0.153 0.479  -7.992  -9.242  -4.272 4 A_T5S4:DA5_A A 4 ? A 5 ? 20 1 
1 A DA  5 1_555 A T5S 4 8_666 0.171  -0.153 0.479  7.992   -9.242  -4.272 5 A_DA5:T5S4_A A 5 ? A 4 ? 20 1 
1 A DC  6 1_555 A DG  3 8_666 0.280  -0.188 0.260  4.428   -12.902 0.261  6 A_DC6:DG3_A  A 6 ? A 3 ? 19 1 
1 A DA  7 1_555 A UMS 2 8_666 0.023  -0.082 0.164  6.710   -10.915 2.899  7 A_DA7:UMS2_A A 7 ? A 2 ? 20 1 
1 A DC  8 1_555 A DG  1 8_666 0.343  -0.120 -0.396 19.126  -13.473 -1.689 8 A_DC8:DG1_A  A 8 ? A 1 ? 19 1 
# 
loop_
_ndb_struct_na_base_pair_step.model_number 
_ndb_struct_na_base_pair_step.i_label_asym_id_1 
_ndb_struct_na_base_pair_step.i_label_comp_id_1 
_ndb_struct_na_base_pair_step.i_label_seq_id_1 
_ndb_struct_na_base_pair_step.i_symmetry_1 
_ndb_struct_na_base_pair_step.j_label_asym_id_1 
_ndb_struct_na_base_pair_step.j_label_comp_id_1 
_ndb_struct_na_base_pair_step.j_label_seq_id_1 
_ndb_struct_na_base_pair_step.j_symmetry_1 
_ndb_struct_na_base_pair_step.i_label_asym_id_2 
_ndb_struct_na_base_pair_step.i_label_comp_id_2 
_ndb_struct_na_base_pair_step.i_label_seq_id_2 
_ndb_struct_na_base_pair_step.i_symmetry_2 
_ndb_struct_na_base_pair_step.j_label_asym_id_2 
_ndb_struct_na_base_pair_step.j_label_comp_id_2 
_ndb_struct_na_base_pair_step.j_label_seq_id_2 
_ndb_struct_na_base_pair_step.j_symmetry_2 
_ndb_struct_na_base_pair_step.shift 
_ndb_struct_na_base_pair_step.slide 
_ndb_struct_na_base_pair_step.rise 
_ndb_struct_na_base_pair_step.tilt 
_ndb_struct_na_base_pair_step.roll 
_ndb_struct_na_base_pair_step.twist 
_ndb_struct_na_base_pair_step.x_displacement 
_ndb_struct_na_base_pair_step.y_displacement 
_ndb_struct_na_base_pair_step.helical_rise 
_ndb_struct_na_base_pair_step.inclination 
_ndb_struct_na_base_pair_step.tip 
_ndb_struct_na_base_pair_step.helical_twist 
_ndb_struct_na_base_pair_step.step_number 
_ndb_struct_na_base_pair_step.step_name 
_ndb_struct_na_base_pair_step.i_auth_asym_id_1 
_ndb_struct_na_base_pair_step.i_auth_seq_id_1 
_ndb_struct_na_base_pair_step.i_PDB_ins_code_1 
_ndb_struct_na_base_pair_step.j_auth_asym_id_1 
_ndb_struct_na_base_pair_step.j_auth_seq_id_1 
_ndb_struct_na_base_pair_step.j_PDB_ins_code_1 
_ndb_struct_na_base_pair_step.i_auth_asym_id_2 
_ndb_struct_na_base_pair_step.i_auth_seq_id_2 
_ndb_struct_na_base_pair_step.i_PDB_ins_code_2 
_ndb_struct_na_base_pair_step.j_auth_asym_id_2 
_ndb_struct_na_base_pair_step.j_auth_seq_id_2 
_ndb_struct_na_base_pair_step.j_PDB_ins_code_2 
1 A DG  1 1_555 A DC  8 8_666 A UMS 2 1_555 A DA  7 8_666 0.512  -0.807 3.092 -3.398 13.604 30.830 -3.348 -1.371 2.460 24.088 
6.016  33.799 1 AA_DG1UMS2:DA7DC8_AA  A 1 ? A 8 ? A 2 ? A 7 ? 
1 A UMS 2 1_555 A DA  7 8_666 A DG  3 1_555 A DC  6 8_666 0.734  -1.521 3.027 0.106  12.227 28.424 -4.836 -1.361 2.204 23.569 
-0.204 30.893 2 AA_UMS2DG3:DC6DA7_AA  A 2 ? A 7 ? A 3 ? A 6 ? 
1 A DG  3 1_555 A DC  6 8_666 A T5S 4 1_555 A DA  5 8_666 -0.343 -1.925 3.350 -0.901 -0.096 35.893 -3.108 0.424  3.362 -0.157 
1.462  35.904 3 AA_DG3T5S4:DA5DC6_AA  A 3 ? A 6 ? A 4 ? A 5 ? 
1 A T5S 4 1_555 A DA  5 8_666 A DA  5 1_555 A T5S 4 8_666 0.000  -1.615 2.781 0.000  1.563  28.610 -3.558 0.000  2.691 3.160  
0.000  28.652 4 AA_T5S4DA5:T5S4DA5_AA A 4 ? A 5 ? A 5 ? A 4 ? 
1 A DA  5 1_555 A T5S 4 8_666 A DC  6 1_555 A DG  3 8_666 0.343  -1.925 3.350 0.901  -0.097 35.893 -3.108 -0.424 3.362 -0.157 
-1.462 35.904 5 AA_DA5DC6:DG3T5S4_AA  A 5 ? A 4 ? A 6 ? A 3 ? 
1 A DC  6 1_555 A DG  3 8_666 A DA  7 1_555 A UMS 2 8_666 -0.734 -1.521 3.027 -0.106 12.227 28.424 -4.836 1.361  2.204 23.569 
0.204  30.893 6 AA_DC6DA7:UMS2DG3_AA  A 6 ? A 3 ? A 7 ? A 2 ? 
1 A DA  7 1_555 A UMS 2 8_666 A DC  8 1_555 A DG  1 8_666 -0.512 -0.807 3.092 3.398  13.604 30.830 -3.348 1.371  2.460 24.088 
-6.017 33.798 7 AA_DA7DC8:DG1UMS2_AA  A 7 ? A 2 ? A 8 ? A 1 ? 
# 
_pdbx_entity_nonpoly.entity_id   2 
_pdbx_entity_nonpoly.name        water 
_pdbx_entity_nonpoly.comp_id     HOH 
# 
_pdbx_initial_refinement_model.id               1 
_pdbx_initial_refinement_model.entity_id_list   ? 
_pdbx_initial_refinement_model.type             'experimental model' 
_pdbx_initial_refinement_model.source_name      PDB 
_pdbx_initial_refinement_model.accession_code   1DNS 
_pdbx_initial_refinement_model.details          ? 
# 
